data_4J2C
#
_entry.id   4J2C
#
_cell.length_a   41.636
_cell.length_b   45.660
_cell.length_c   58.338
_cell.angle_alpha   90.000
_cell.angle_beta   90.040
_cell.angle_gamma   90.000
#
_symmetry.space_group_name_H-M   'P 1 21 1'
#
loop_
_entity.id
_entity.type
_entity.pdbx_description
1 polymer Syntaxin-6
2 polymer 'Vacuolar protein sorting-associated protein 51 homolog'
3 water water
#
loop_
_entity_poly.entity_id
_entity_poly.type
_entity_poly.pdbx_seq_one_letter_code
_entity_poly.pdbx_strand_id
1 'polypeptide(L)'
;GAMEDPFFVVKGEVQKAVNTAQGLFQRWTELLQDPSTATREEIDWTTNELRNNLRSIEWDLEDLDETISIVEANPRKFNL
DATELSIRKAFITSTRQVVRDMKDQMSTSS
;
A,C
2 'polypeptide(L)' AHGMLKLYYGLSEGEAA B,D
#
# COMPACT_ATOMS: atom_id res chain seq x y z
N GLY A 1 -15.28 -20.98 -13.90
CA GLY A 1 -15.12 -20.48 -12.54
C GLY A 1 -15.10 -18.97 -12.43
N ALA A 2 -15.85 -18.30 -13.30
CA ALA A 2 -15.92 -16.83 -13.30
C ALA A 2 -16.21 -16.38 -11.88
N MET A 3 -15.58 -15.28 -11.49
CA MET A 3 -15.75 -14.73 -10.15
C MET A 3 -16.46 -13.38 -10.22
N GLU A 4 -17.15 -13.01 -9.15
CA GLU A 4 -17.83 -11.73 -9.06
C GLU A 4 -16.83 -10.66 -8.59
N ASP A 5 -16.89 -9.47 -9.20
CA ASP A 5 -15.98 -8.38 -8.87
C ASP A 5 -16.40 -7.71 -7.56
N PRO A 6 -15.55 -7.83 -6.52
CA PRO A 6 -15.99 -7.32 -5.22
C PRO A 6 -15.64 -5.84 -5.02
N PHE A 7 -15.07 -5.17 -6.02
CA PHE A 7 -14.68 -3.78 -5.83
C PHE A 7 -15.86 -2.99 -5.27
N PHE A 8 -17.00 -3.02 -5.97
CA PHE A 8 -18.13 -2.21 -5.55
C PHE A 8 -18.57 -2.57 -4.12
N VAL A 9 -18.30 -3.80 -3.69
CA VAL A 9 -18.64 -4.19 -2.34
C VAL A 9 -17.80 -3.38 -1.35
N VAL A 10 -16.48 -3.42 -1.51
CA VAL A 10 -15.59 -2.68 -0.62
C VAL A 10 -15.84 -1.18 -0.71
N LYS A 11 -16.06 -0.67 -1.92
CA LYS A 11 -16.41 0.74 -2.10
C LYS A 11 -17.54 1.19 -1.17
N GLY A 12 -18.61 0.39 -1.11
CA GLY A 12 -19.74 0.71 -0.27
C GLY A 12 -19.38 0.72 1.21
N GLU A 13 -18.50 -0.20 1.61
CA GLU A 13 -18.04 -0.26 3.00
C GLU A 13 -17.21 0.96 3.36
N VAL A 14 -16.37 1.40 2.43
CA VAL A 14 -15.59 2.62 2.65
C VAL A 14 -16.52 3.81 2.80
N GLN A 15 -17.48 3.95 1.89
CA GLN A 15 -18.46 5.03 1.98
C GLN A 15 -19.18 4.98 3.32
N LYS A 16 -19.57 3.78 3.74
CA LYS A 16 -20.25 3.63 5.02
C LYS A 16 -19.34 4.07 6.17
N ALA A 17 -18.06 3.74 6.09
CA ALA A 17 -17.09 4.16 7.10
C ALA A 17 -16.89 5.68 7.10
N VAL A 18 -16.91 6.26 5.91
CA VAL A 18 -16.75 7.70 5.74
C VAL A 18 -17.95 8.45 6.35
N ASN A 19 -19.12 7.84 6.24
CA ASN A 19 -20.34 8.42 6.78
C ASN A 19 -20.35 8.41 8.30
N THR A 20 -19.98 7.28 8.88
CA THR A 20 -19.82 7.17 10.32
C THR A 20 -18.75 8.14 10.85
N ALA A 21 -17.60 8.16 10.18
CA ALA A 21 -16.53 9.09 10.56
C ALA A 21 -17.04 10.52 10.57
N GLN A 22 -17.77 10.89 9.53
CA GLN A 22 -18.31 12.25 9.45
C GLN A 22 -19.21 12.59 10.65
N GLY A 23 -20.07 11.66 11.02
CA GLY A 23 -20.91 11.85 12.20
C GLY A 23 -20.09 11.98 13.47
N LEU A 24 -18.98 11.27 13.55
CA LEU A 24 -18.09 11.32 14.70
C LEU A 24 -17.33 12.66 14.75
N PHE A 25 -16.95 13.15 13.58
CA PHE A 25 -16.20 14.40 13.47
C PHE A 25 -17.04 15.60 13.87
N GLN A 26 -18.31 15.59 13.47
CA GLN A 26 -19.22 16.67 13.84
C GLN A 26 -19.44 16.65 15.34
N ARG A 27 -19.46 15.45 15.91
CA ARG A 27 -19.55 15.28 17.36
C ARG A 27 -18.30 15.87 18.02
N TRP A 28 -17.12 15.44 17.56
CA TRP A 28 -15.86 15.93 18.06
C TRP A 28 -15.81 17.45 18.07
N THR A 29 -16.29 18.06 16.99
CA THR A 29 -16.30 19.50 16.84
C THR A 29 -17.18 20.14 17.91
N GLU A 30 -18.37 19.60 18.09
CA GLU A 30 -19.32 20.13 19.07
C GLU A 30 -18.82 19.98 20.51
N LEU A 31 -18.04 18.93 20.77
CA LEU A 31 -17.40 18.75 22.08
C LEU A 31 -16.24 19.72 22.29
N LEU A 32 -15.28 19.72 21.35
CA LEU A 32 -14.09 20.54 21.48
C LEU A 32 -14.39 22.03 21.47
N GLN A 33 -15.59 22.40 21.04
CA GLN A 33 -15.98 23.81 21.00
C GLN A 33 -16.61 24.26 22.31
N ASP A 34 -17.36 23.38 22.97
CA ASP A 34 -17.94 23.71 24.26
C ASP A 34 -17.64 22.68 25.34
N PRO A 35 -16.57 22.92 26.11
CA PRO A 35 -16.20 22.21 27.34
C PRO A 35 -17.19 22.44 28.47
N SER A 36 -18.46 22.60 28.14
CA SER A 36 -19.53 22.59 29.13
C SER A 36 -20.02 21.17 29.28
N THR A 37 -20.25 20.53 28.14
CA THR A 37 -20.68 19.13 28.08
C THR A 37 -19.48 18.21 27.84
N ALA A 38 -18.39 18.79 27.33
CA ALA A 38 -17.26 18.01 26.83
C ALA A 38 -16.40 17.38 27.93
N THR A 39 -16.82 16.23 28.42
CA THR A 39 -16.02 15.50 29.40
C THR A 39 -14.87 14.83 28.68
N ARG A 40 -13.77 14.62 29.40
CA ARG A 40 -12.54 14.07 28.83
C ARG A 40 -12.75 12.68 28.25
N GLU A 41 -13.44 11.82 29.01
CA GLU A 41 -13.67 10.45 28.58
C GLU A 41 -14.43 10.41 27.25
N GLU A 42 -15.46 11.21 27.13
CA GLU A 42 -16.28 11.24 25.92
C GLU A 42 -15.47 11.78 24.76
N ILE A 43 -14.70 12.84 25.00
CA ILE A 43 -13.82 13.39 23.97
C ILE A 43 -12.81 12.34 23.53
N ASP A 44 -12.14 11.70 24.49
CA ASP A 44 -11.19 10.63 24.18
C ASP A 44 -11.83 9.53 23.35
N TRP A 45 -13.00 9.06 23.77
CA TRP A 45 -13.69 8.00 23.05
C TRP A 45 -14.02 8.37 21.61
N THR A 46 -14.50 9.59 21.42
CA THR A 46 -14.91 10.08 20.10
C THR A 46 -13.70 10.21 19.17
N THR A 47 -12.64 10.83 19.67
CA THR A 47 -11.42 10.97 18.91
C THR A 47 -10.84 9.60 18.58
N ASN A 48 -11.01 8.64 19.48
CA ASN A 48 -10.51 7.29 19.25
C ASN A 48 -11.27 6.53 18.17
N GLU A 49 -12.59 6.62 18.19
CA GLU A 49 -13.39 5.91 17.21
C GLU A 49 -13.32 6.58 15.85
N LEU A 50 -13.04 7.88 15.85
CA LEU A 50 -12.87 8.65 14.62
C LEU A 50 -11.58 8.18 13.95
N ARG A 51 -10.59 7.84 14.77
CA ARG A 51 -9.35 7.24 14.30
C ARG A 51 -9.57 5.79 13.83
N ASN A 52 -10.40 5.05 14.55
CA ASN A 52 -10.72 3.67 14.18
C ASN A 52 -11.28 3.58 12.77
N ASN A 53 -12.02 4.60 12.36
CA ASN A 53 -12.58 4.64 11.02
C ASN A 53 -11.57 5.13 9.99
N LEU A 54 -10.88 6.23 10.32
CA LEU A 54 -9.90 6.79 9.40
C LEU A 54 -8.81 5.78 9.08
N ARG A 55 -8.66 4.80 9.97
CA ARG A 55 -7.69 3.72 9.85
C ARG A 55 -8.15 2.66 8.85
N SER A 56 -9.37 2.19 9.02
CA SER A 56 -9.96 1.23 8.10
C SER A 56 -10.04 1.83 6.70
N ILE A 57 -10.44 3.09 6.63
CA ILE A 57 -10.60 3.77 5.35
C ILE A 57 -9.29 3.90 4.57
N GLU A 58 -8.20 4.14 5.28
CA GLU A 58 -6.92 4.35 4.59
C GLU A 58 -6.32 3.05 4.04
N TRP A 59 -6.41 1.97 4.82
CA TRP A 59 -6.03 0.65 4.35
C TRP A 59 -6.90 0.31 3.15
N ASP A 60 -8.21 0.41 3.34
CA ASP A 60 -9.16 0.14 2.27
C ASP A 60 -8.81 0.84 0.96
N LEU A 61 -8.51 2.13 1.03
CA LEU A 61 -8.19 2.93 -0.15
C LEU A 61 -6.88 2.48 -0.81
N GLU A 62 -5.91 2.09 0.02
CA GLU A 62 -4.65 1.52 -0.46
C GLU A 62 -4.92 0.32 -1.33
N ASP A 63 -5.73 -0.60 -0.81
CA ASP A 63 -6.02 -1.83 -1.51
C ASP A 63 -6.80 -1.53 -2.77
N LEU A 64 -7.82 -0.68 -2.64
CA LEU A 64 -8.65 -0.33 -3.78
C LEU A 64 -7.83 0.31 -4.89
N ASP A 65 -6.97 1.26 -4.52
CA ASP A 65 -6.10 1.93 -5.48
C ASP A 65 -5.20 0.92 -6.22
N GLU A 66 -4.73 -0.09 -5.49
CA GLU A 66 -3.89 -1.13 -6.09
C GLU A 66 -4.64 -1.95 -7.12
N THR A 67 -5.89 -2.29 -6.83
CA THR A 67 -6.67 -3.09 -7.77
C THR A 67 -6.78 -2.36 -9.10
N ILE A 68 -6.80 -1.03 -9.05
CA ILE A 68 -6.83 -0.22 -10.27
C ILE A 68 -5.59 -0.45 -11.11
N SER A 69 -4.44 -0.48 -10.46
CA SER A 69 -3.18 -0.71 -11.17
C SER A 69 -3.17 -2.12 -11.76
N ILE A 70 -3.75 -3.06 -11.02
CA ILE A 70 -3.84 -4.45 -11.48
C ILE A 70 -4.70 -4.60 -12.73
N VAL A 71 -5.86 -3.93 -12.76
CA VAL A 71 -6.69 -3.90 -13.96
C VAL A 71 -6.01 -3.19 -15.14
N GLU A 72 -5.34 -2.09 -14.87
CA GLU A 72 -4.69 -1.34 -15.94
C GLU A 72 -3.50 -2.07 -16.54
N ALA A 73 -2.87 -2.92 -15.75
CA ALA A 73 -1.75 -3.71 -16.24
C ALA A 73 -2.23 -4.96 -16.97
N ASN A 74 -3.45 -5.39 -16.69
CA ASN A 74 -4.01 -6.58 -17.31
C ASN A 74 -5.47 -6.37 -17.68
N PRO A 75 -5.72 -5.45 -18.62
CA PRO A 75 -7.08 -5.05 -19.01
C PRO A 75 -7.89 -6.16 -19.65
N ARG A 76 -7.28 -6.96 -20.53
CA ARG A 76 -8.00 -8.03 -21.21
C ARG A 76 -8.66 -8.98 -20.21
N LYS A 77 -7.93 -9.35 -19.17
CA LYS A 77 -8.43 -10.28 -18.15
C LYS A 77 -9.67 -9.77 -17.42
N PHE A 78 -9.69 -8.48 -17.15
CA PHE A 78 -10.73 -7.93 -16.28
C PHE A 78 -11.94 -7.41 -17.05
N ASN A 79 -11.72 -6.97 -18.28
CA ASN A 79 -12.83 -6.50 -19.12
C ASN A 79 -13.71 -5.51 -18.38
N LEU A 80 -13.15 -4.35 -18.02
CA LEU A 80 -13.92 -3.33 -17.31
C LEU A 80 -14.32 -2.19 -18.22
N ASP A 81 -15.54 -1.69 -18.03
CA ASP A 81 -16.00 -0.52 -18.75
C ASP A 81 -15.16 0.69 -18.34
N ALA A 82 -14.68 1.46 -19.31
CA ALA A 82 -13.75 2.56 -19.05
C ALA A 82 -14.34 3.71 -18.25
N THR A 83 -15.60 4.05 -18.52
CA THR A 83 -16.26 5.07 -17.71
C THR A 83 -16.37 4.60 -16.26
N GLU A 84 -16.75 3.34 -16.07
CA GLU A 84 -16.84 2.75 -14.74
C GLU A 84 -15.49 2.83 -14.02
N LEU A 85 -14.42 2.54 -14.74
CA LEU A 85 -13.06 2.59 -14.19
C LEU A 85 -12.71 4.01 -13.75
N SER A 86 -12.96 4.99 -14.62
CA SER A 86 -12.71 6.38 -14.26
C SER A 86 -13.48 6.80 -13.00
N ILE A 87 -14.66 6.23 -12.83
CA ILE A 87 -15.43 6.45 -11.62
C ILE A 87 -14.71 5.83 -10.42
N ARG A 88 -14.23 4.60 -10.55
CA ARG A 88 -13.43 4.00 -9.50
C ARG A 88 -12.28 4.92 -9.11
N LYS A 89 -11.58 5.47 -10.10
CA LYS A 89 -10.47 6.36 -9.82
C LYS A 89 -10.91 7.62 -9.07
N ALA A 90 -12.01 8.20 -9.52
CA ALA A 90 -12.53 9.41 -8.89
C ALA A 90 -13.01 9.13 -7.46
N PHE A 91 -13.44 7.91 -7.21
CA PHE A 91 -13.87 7.56 -5.87
C PHE A 91 -12.68 7.55 -4.93
N ILE A 92 -11.61 6.89 -5.36
CA ILE A 92 -10.40 6.84 -4.55
C ILE A 92 -9.85 8.24 -4.26
N THR A 93 -9.76 9.07 -5.30
CA THR A 93 -9.17 10.40 -5.16
C THR A 93 -10.03 11.31 -4.26
N SER A 94 -11.34 11.33 -4.50
CA SER A 94 -12.21 12.19 -3.72
C SER A 94 -12.36 11.74 -2.28
N THR A 95 -12.29 10.43 -2.04
CA THR A 95 -12.37 9.93 -0.66
C THR A 95 -11.07 10.25 0.08
N ARG A 96 -9.94 10.11 -0.60
CA ARG A 96 -8.68 10.51 -0.03
C ARG A 96 -8.72 11.92 0.54
N GLN A 97 -9.25 12.86 -0.24
CA GLN A 97 -9.28 14.25 0.21
C GLN A 97 -10.32 14.46 1.30
N VAL A 98 -11.50 13.88 1.13
CA VAL A 98 -12.52 13.96 2.16
C VAL A 98 -11.93 13.55 3.51
N VAL A 99 -11.26 12.41 3.53
CA VAL A 99 -10.62 11.94 4.77
C VAL A 99 -9.50 12.89 5.16
N ARG A 100 -8.68 13.25 4.18
CA ARG A 100 -7.59 14.20 4.38
C ARG A 100 -8.08 15.50 5.03
N ASP A 101 -9.26 15.95 4.63
CA ASP A 101 -9.80 17.19 5.16
C ASP A 101 -10.22 17.03 6.62
N MET A 102 -10.73 15.86 6.98
CA MET A 102 -11.01 15.56 8.38
C MET A 102 -9.73 15.57 9.21
N LYS A 103 -8.70 14.88 8.71
CA LYS A 103 -7.43 14.77 9.44
C LYS A 103 -6.79 16.14 9.67
N ASP A 104 -6.92 17.03 8.69
CA ASP A 104 -6.37 18.37 8.81
C ASP A 104 -7.04 19.17 9.91
N GLN A 105 -8.36 19.07 9.99
CA GLN A 105 -9.09 19.81 11.00
C GLN A 105 -8.95 19.16 12.37
N MET A 106 -8.22 18.06 12.44
CA MET A 106 -7.95 17.38 13.72
C MET A 106 -6.53 17.60 14.20
N SER A 107 -5.57 17.03 13.48
CA SER A 107 -4.15 17.05 13.86
C SER A 107 -3.60 18.47 13.89
N THR A 108 -3.95 19.26 12.87
CA THR A 108 -3.58 20.66 12.80
C THR A 108 -2.07 20.86 12.91
N ALA B 1 -12.46 -6.80 3.69
CA ALA B 1 -12.29 -6.19 2.39
C ALA B 1 -11.01 -6.67 1.70
N HIS B 2 -9.91 -6.70 2.46
CA HIS B 2 -8.63 -7.11 1.91
C HIS B 2 -8.72 -8.48 1.23
N GLY B 3 -9.29 -9.45 1.96
CA GLY B 3 -9.42 -10.81 1.49
C GLY B 3 -10.28 -10.97 0.25
N MET B 4 -11.37 -10.20 0.18
CA MET B 4 -12.19 -10.16 -1.03
C MET B 4 -11.38 -9.65 -2.22
N LEU B 5 -10.68 -8.55 -2.01
CA LEU B 5 -9.90 -7.94 -3.07
C LEU B 5 -8.74 -8.85 -3.48
N LYS B 6 -8.13 -9.49 -2.50
CA LYS B 6 -6.99 -10.39 -2.76
C LYS B 6 -7.41 -11.55 -3.62
N LEU B 7 -8.56 -12.14 -3.28
CA LEU B 7 -9.10 -13.30 -3.97
C LEU B 7 -9.39 -13.03 -5.44
N TYR B 8 -9.94 -11.85 -5.74
CA TYR B 8 -10.33 -11.53 -7.11
C TYR B 8 -9.20 -10.89 -7.90
N TYR B 9 -8.37 -10.09 -7.22
CA TYR B 9 -7.35 -9.31 -7.90
C TYR B 9 -5.94 -9.87 -7.75
N GLY B 10 -5.75 -10.72 -6.75
CA GLY B 10 -4.45 -11.30 -6.49
C GLY B 10 -3.46 -10.27 -5.98
N LEU B 11 -3.87 -9.51 -4.97
CA LEU B 11 -2.98 -8.55 -4.31
C LEU B 11 -1.66 -9.25 -3.96
N SER B 12 -0.55 -8.52 -4.11
CA SER B 12 0.77 -9.06 -3.82
C SER B 12 1.21 -8.73 -2.40
N GLY C 1 -0.18 20.13 5.49
CA GLY C 1 -1.38 19.36 5.79
C GLY C 1 -1.12 17.87 5.82
N ALA C 2 -2.01 17.13 6.48
CA ALA C 2 -1.91 15.67 6.57
C ALA C 2 -1.46 15.07 5.24
N MET C 3 -0.30 14.44 5.24
CA MET C 3 0.21 13.78 4.04
C MET C 3 -0.48 12.45 3.82
N GLU C 4 -0.21 11.84 2.67
CA GLU C 4 -0.64 10.49 2.43
C GLU C 4 0.58 9.60 2.60
N ASP C 5 0.35 8.39 3.08
CA ASP C 5 1.41 7.43 3.36
C ASP C 5 1.81 6.70 2.08
N PRO C 6 3.05 6.91 1.63
CA PRO C 6 3.49 6.35 0.34
C PRO C 6 4.08 4.95 0.45
N PHE C 7 3.94 4.28 1.60
CA PHE C 7 4.51 2.93 1.76
C PHE C 7 4.00 1.99 0.68
N PHE C 8 2.71 2.06 0.38
CA PHE C 8 2.12 1.13 -0.60
C PHE C 8 2.54 1.46 -2.03
N VAL C 9 2.83 2.73 -2.28
CA VAL C 9 3.36 3.14 -3.57
C VAL C 9 4.71 2.48 -3.78
N VAL C 10 5.59 2.63 -2.79
CA VAL C 10 6.95 2.08 -2.86
C VAL C 10 6.90 0.56 -2.81
N LYS C 11 5.87 0.02 -2.17
CA LYS C 11 5.67 -1.42 -2.17
C LYS C 11 5.36 -1.88 -3.57
N GLY C 12 4.51 -1.12 -4.27
CA GLY C 12 4.18 -1.39 -5.65
C GLY C 12 5.41 -1.34 -6.54
N GLU C 13 6.30 -0.39 -6.30
CA GLU C 13 7.54 -0.29 -7.08
C GLU C 13 8.41 -1.52 -6.86
N VAL C 14 8.55 -1.93 -5.61
CA VAL C 14 9.31 -3.13 -5.30
C VAL C 14 8.71 -4.35 -6.00
N GLN C 15 7.37 -4.45 -5.99
CA GLN C 15 6.66 -5.57 -6.63
C GLN C 15 7.00 -5.69 -8.10
N LYS C 16 7.11 -4.55 -8.75
CA LYS C 16 7.38 -4.51 -10.18
C LYS C 16 8.83 -4.91 -10.48
N ALA C 17 9.77 -4.42 -9.68
CA ALA C 17 11.17 -4.76 -9.86
C ALA C 17 11.41 -6.25 -9.63
N VAL C 18 10.73 -6.82 -8.65
CA VAL C 18 10.86 -8.25 -8.40
C VAL C 18 10.32 -9.02 -9.60
N ASN C 19 9.20 -8.58 -10.15
CA ASN C 19 8.66 -9.19 -11.36
C ASN C 19 9.65 -9.11 -12.52
N THR C 20 10.28 -7.95 -12.67
CA THR C 20 11.32 -7.79 -13.68
C THR C 20 12.52 -8.69 -13.42
N ALA C 21 12.92 -8.78 -12.16
CA ALA C 21 14.03 -9.62 -11.77
C ALA C 21 13.72 -11.10 -11.98
N GLN C 22 12.46 -11.48 -11.76
CA GLN C 22 12.03 -12.86 -11.96
C GLN C 22 12.12 -13.22 -13.45
N GLY C 23 11.72 -12.29 -14.31
CA GLY C 23 11.84 -12.47 -15.74
C GLY C 23 13.27 -12.66 -16.20
N LEU C 24 14.13 -11.73 -15.82
CA LEU C 24 15.55 -11.78 -16.16
C LEU C 24 16.23 -13.03 -15.64
N PHE C 25 15.88 -13.42 -14.42
CA PHE C 25 16.42 -14.64 -13.85
C PHE C 25 16.07 -15.86 -14.69
N GLN C 26 14.88 -15.87 -15.25
CA GLN C 26 14.45 -17.01 -16.06
C GLN C 26 15.31 -17.13 -17.31
N ARG C 27 15.44 -16.02 -18.04
CA ARG C 27 16.27 -16.02 -19.24
C ARG C 27 17.73 -16.25 -18.90
N TRP C 28 18.17 -15.71 -17.76
CA TRP C 28 19.52 -15.94 -17.27
C TRP C 28 19.82 -17.43 -17.14
N THR C 29 18.87 -18.17 -16.57
CA THR C 29 19.05 -19.59 -16.37
C THR C 29 19.14 -20.28 -17.73
N GLU C 30 18.23 -19.94 -18.63
CA GLU C 30 18.23 -20.46 -19.99
C GLU C 30 19.60 -20.32 -20.64
N LEU C 31 20.06 -19.07 -20.74
CA LEU C 31 21.32 -18.73 -21.42
C LEU C 31 22.52 -19.52 -20.90
N LEU C 32 22.32 -20.21 -19.79
CA LEU C 32 23.39 -21.00 -19.18
C LEU C 32 23.20 -22.49 -19.45
N GLN C 33 21.94 -22.92 -19.61
CA GLN C 33 21.60 -24.34 -19.71
C GLN C 33 21.42 -24.91 -21.12
N ASP C 34 21.23 -24.05 -22.11
CA ASP C 34 21.19 -24.51 -23.51
C ASP C 34 22.25 -23.84 -24.40
N PRO C 35 23.53 -24.20 -24.20
CA PRO C 35 24.61 -23.63 -25.02
C PRO C 35 24.38 -23.90 -26.51
N THR C 39 24.97 -15.13 -26.58
CA THR C 39 26.38 -15.42 -26.31
C THR C 39 26.86 -14.61 -25.11
N ARG C 40 28.17 -14.46 -24.95
CA ARG C 40 28.75 -13.72 -23.82
C ARG C 40 28.08 -12.35 -23.61
N GLU C 41 27.90 -11.60 -24.68
CA GLU C 41 27.36 -10.25 -24.57
C GLU C 41 25.93 -10.19 -24.02
N GLU C 42 25.11 -11.18 -24.38
CA GLU C 42 23.74 -11.23 -23.89
C GLU C 42 23.71 -11.67 -22.44
N ILE C 43 24.57 -12.62 -22.10
CA ILE C 43 24.71 -13.10 -20.72
C ILE C 43 25.15 -11.98 -19.80
N ASP C 44 26.11 -11.18 -20.25
CA ASP C 44 26.61 -10.07 -19.43
C ASP C 44 25.54 -8.99 -19.22
N TRP C 45 24.80 -8.66 -20.27
CA TRP C 45 23.73 -7.68 -20.15
C TRP C 45 22.66 -8.14 -19.18
N THR C 46 22.21 -9.38 -19.35
CA THR C 46 21.17 -9.94 -18.50
C THR C 46 21.62 -10.00 -17.05
N THR C 47 22.84 -10.43 -16.82
CA THR C 47 23.36 -10.55 -15.46
C THR C 47 23.35 -9.22 -14.74
N ASN C 48 23.88 -8.18 -15.40
CA ASN C 48 24.01 -6.87 -14.76
C ASN C 48 22.69 -6.13 -14.60
N GLU C 49 21.73 -6.39 -15.49
CA GLU C 49 20.43 -5.77 -15.33
C GLU C 49 19.74 -6.43 -14.13
N LEU C 50 19.83 -7.74 -14.06
CA LEU C 50 19.31 -8.48 -12.92
C LEU C 50 19.86 -7.86 -11.61
N ARG C 51 21.18 -7.75 -11.53
CA ARG C 51 21.83 -7.10 -10.40
C ARG C 51 21.33 -5.67 -10.19
N ASN C 52 21.02 -4.97 -11.28
CA ASN C 52 20.43 -3.64 -11.16
C ASN C 52 19.11 -3.72 -10.40
N ASN C 53 18.27 -4.68 -10.79
CA ASN C 53 17.00 -4.87 -10.10
C ASN C 53 17.18 -5.19 -8.61
N LEU C 54 18.16 -6.02 -8.29
CA LEU C 54 18.43 -6.33 -6.89
C LEU C 54 18.85 -5.08 -6.12
N ARG C 55 19.68 -4.25 -6.74
CA ARG C 55 20.17 -3.03 -6.11
C ARG C 55 19.01 -2.17 -5.65
N SER C 56 18.09 -1.91 -6.57
CA SER C 56 16.92 -1.10 -6.26
C SER C 56 16.10 -1.74 -5.16
N ILE C 57 15.84 -3.04 -5.30
CA ILE C 57 15.00 -3.73 -4.33
CA ILE C 57 15.01 -3.76 -4.33
C ILE C 57 15.62 -3.68 -2.94
N GLU C 58 16.87 -4.08 -2.83
CA GLU C 58 17.56 -4.11 -1.57
C GLU C 58 17.50 -2.75 -0.86
N TRP C 59 17.73 -1.67 -1.61
CA TRP C 59 17.73 -0.33 -1.07
C TRP C 59 16.32 0.04 -0.62
N ASP C 60 15.33 -0.25 -1.45
CA ASP C 60 13.95 0.03 -1.08
C ASP C 60 13.51 -0.71 0.18
N LEU C 61 13.97 -1.94 0.35
CA LEU C 61 13.55 -2.74 1.51
C LEU C 61 14.13 -2.20 2.82
N GLU C 62 15.35 -1.68 2.77
CA GLU C 62 15.95 -1.01 3.91
C GLU C 62 15.06 0.14 4.38
N ASP C 63 14.72 1.02 3.45
CA ASP C 63 13.90 2.17 3.78
C ASP C 63 12.54 1.72 4.29
N LEU C 64 11.89 0.81 3.58
CA LEU C 64 10.59 0.33 3.99
C LEU C 64 10.64 -0.29 5.39
N ASP C 65 11.72 -1.02 5.69
CA ASP C 65 11.86 -1.65 7.00
C ASP C 65 12.06 -0.59 8.10
N GLU C 66 12.83 0.45 7.80
CA GLU C 66 12.98 1.59 8.71
C GLU C 66 11.63 2.25 9.03
N THR C 67 10.78 2.39 8.02
CA THR C 67 9.47 3.01 8.24
C THR C 67 8.65 2.21 9.25
N ILE C 68 8.80 0.90 9.23
CA ILE C 68 8.08 0.05 10.17
C ILE C 68 8.63 0.25 11.57
N SER C 69 9.94 0.45 11.65
CA SER C 69 10.59 0.72 12.92
C SER C 69 10.15 2.09 13.44
N ILE C 70 9.97 3.03 12.52
CA ILE C 70 9.57 4.38 12.89
C ILE C 70 8.11 4.42 13.36
N VAL C 71 7.23 3.73 12.64
CA VAL C 71 5.83 3.61 13.01
C VAL C 71 5.65 3.02 14.41
N GLU C 72 6.39 1.95 14.69
CA GLU C 72 6.26 1.28 15.98
C GLU C 72 6.77 2.11 17.15
N ALA C 73 7.73 3.00 16.89
CA ALA C 73 8.23 3.88 17.94
C ALA C 73 7.32 5.09 18.14
N ASN C 74 6.32 5.26 17.28
CA ASN C 74 5.37 6.35 17.41
C ASN C 74 3.99 5.98 16.85
N PRO C 75 3.34 4.99 17.48
CA PRO C 75 2.06 4.45 16.98
C PRO C 75 0.99 5.51 16.76
N ARG C 76 0.82 6.41 17.72
CA ARG C 76 -0.31 7.35 17.65
C ARG C 76 -0.24 8.33 16.49
N LYS C 77 0.96 8.71 16.07
CA LYS C 77 1.08 9.61 14.92
C LYS C 77 0.61 8.96 13.62
N PHE C 78 0.87 7.66 13.48
CA PHE C 78 0.63 7.02 12.19
C PHE C 78 -0.69 6.29 12.09
N ASN C 79 -1.27 5.97 13.25
CA ASN C 79 -2.61 5.39 13.28
C ASN C 79 -2.80 4.26 12.25
N LEU C 80 -1.84 3.36 12.16
CA LEU C 80 -1.91 2.25 11.21
C LEU C 80 -2.70 1.09 11.78
N ASP C 81 -3.64 0.56 10.99
CA ASP C 81 -4.30 -0.68 11.35
C ASP C 81 -3.25 -1.75 11.59
N ALA C 82 -3.40 -2.51 12.67
CA ALA C 82 -2.40 -3.49 13.10
C ALA C 82 -2.25 -4.65 12.12
N THR C 83 -3.36 -5.04 11.50
CA THR C 83 -3.33 -6.08 10.47
C THR C 83 -2.57 -5.57 9.25
N GLU C 84 -2.82 -4.33 8.89
CA GLU C 84 -2.13 -3.70 7.78
C GLU C 84 -0.63 -3.66 8.05
N LEU C 85 -0.28 -3.31 9.29
CA LEU C 85 1.12 -3.21 9.70
C LEU C 85 1.82 -4.57 9.65
N SER C 86 1.11 -5.62 10.06
CA SER C 86 1.66 -6.97 10.04
C SER C 86 1.94 -7.40 8.61
N ILE C 87 1.01 -7.07 7.72
CA ILE C 87 1.14 -7.39 6.31
C ILE C 87 2.35 -6.67 5.69
N ARG C 88 2.67 -5.49 6.22
CA ARG C 88 3.85 -4.74 5.74
C ARG C 88 5.15 -5.44 6.09
N LYS C 89 5.30 -5.85 7.34
CA LYS C 89 6.49 -6.60 7.73
C LYS C 89 6.56 -7.89 6.91
N ALA C 90 5.40 -8.51 6.69
CA ALA C 90 5.32 -9.76 5.96
C ALA C 90 5.88 -9.59 4.56
N PHE C 91 5.51 -8.50 3.91
CA PHE C 91 5.97 -8.23 2.55
C PHE C 91 7.49 -8.11 2.50
N ILE C 92 8.06 -7.46 3.51
CA ILE C 92 9.50 -7.31 3.60
C ILE C 92 10.14 -8.67 3.79
N THR C 93 9.62 -9.44 4.75
CA THR C 93 10.09 -10.79 5.00
C THR C 93 10.14 -11.63 3.73
N SER C 94 8.97 -11.80 3.11
CA SER C 94 8.86 -12.59 1.90
C SER C 94 9.79 -12.07 0.80
N THR C 95 9.73 -10.78 0.53
CA THR C 95 10.51 -10.21 -0.57
C THR C 95 12.01 -10.34 -0.33
N ARG C 96 12.46 -10.28 0.92
CA ARG C 96 13.87 -10.52 1.17
C ARG C 96 14.24 -11.94 0.80
N GLN C 97 13.34 -12.87 1.13
CA GLN C 97 13.55 -14.29 0.87
C GLN C 97 13.50 -14.59 -0.62
N VAL C 98 12.70 -13.83 -1.36
CA VAL C 98 12.64 -14.00 -2.80
C VAL C 98 13.94 -13.55 -3.45
N VAL C 99 14.47 -12.42 -2.99
CA VAL C 99 15.71 -11.90 -3.53
C VAL C 99 16.87 -12.82 -3.19
N ARG C 100 17.01 -13.14 -1.91
CA ARG C 100 18.07 -14.05 -1.46
C ARG C 100 18.08 -15.33 -2.29
N ASP C 101 16.91 -15.91 -2.55
CA ASP C 101 16.83 -17.18 -3.27
C ASP C 101 17.40 -17.08 -4.68
N MET C 102 17.08 -15.99 -5.36
CA MET C 102 17.60 -15.77 -6.70
C MET C 102 19.13 -15.68 -6.67
N LYS C 103 19.67 -14.88 -5.77
CA LYS C 103 21.11 -14.71 -5.68
C LYS C 103 21.85 -16.03 -5.45
N ASP C 104 21.25 -16.91 -4.65
CA ASP C 104 21.83 -18.22 -4.37
C ASP C 104 21.90 -19.08 -5.63
N GLN C 105 20.80 -19.12 -6.37
CA GLN C 105 20.80 -19.84 -7.63
C GLN C 105 21.79 -19.22 -8.60
N MET C 106 21.97 -17.90 -8.51
CA MET C 106 22.93 -17.22 -9.37
C MET C 106 24.37 -17.53 -8.98
N SER C 107 24.56 -17.88 -7.71
CA SER C 107 25.90 -18.17 -7.22
C SER C 107 26.36 -19.59 -7.58
N THR C 108 25.42 -20.54 -7.56
CA THR C 108 25.73 -21.93 -7.84
C THR C 108 25.69 -22.23 -9.34
N SER C 109 24.77 -21.58 -10.05
CA SER C 109 24.53 -21.90 -11.45
C SER C 109 25.42 -21.08 -12.37
N ALA D 1 10.57 5.56 -4.35
CA ALA D 1 11.66 6.52 -4.20
C ALA D 1 12.06 6.67 -2.72
N HIS D 2 13.35 6.84 -2.50
CA HIS D 2 13.88 7.16 -1.17
C HIS D 2 13.33 8.50 -0.72
N GLY D 3 13.03 9.36 -1.70
CA GLY D 3 12.56 10.70 -1.44
C GLY D 3 11.15 10.76 -0.90
N MET D 4 10.29 9.89 -1.39
CA MET D 4 8.92 9.85 -0.88
C MET D 4 8.88 9.40 0.57
N LEU D 5 9.54 8.29 0.87
CA LEU D 5 9.51 7.77 2.23
C LEU D 5 10.12 8.80 3.18
N LYS D 6 11.14 9.51 2.70
CA LYS D 6 11.87 10.49 3.50
C LYS D 6 10.96 11.63 3.95
N LEU D 7 10.06 12.04 3.07
CA LEU D 7 9.09 13.09 3.36
C LEU D 7 8.08 12.65 4.44
N TYR D 8 7.50 11.46 4.25
CA TYR D 8 6.41 11.00 5.11
C TYR D 8 6.88 10.53 6.48
N TYR D 9 8.04 9.87 6.49
CA TYR D 9 8.54 9.19 7.70
C TYR D 9 9.77 9.87 8.29
N GLY D 10 10.37 10.78 7.55
CA GLY D 10 11.57 11.48 8.00
C GLY D 10 12.81 10.61 7.93
N LEU D 11 12.87 9.74 6.93
CA LEU D 11 14.04 8.87 6.73
C LEU D 11 15.32 9.67 6.53
N SER D 12 16.45 9.06 6.86
CA SER D 12 17.75 9.73 6.74
C SER D 12 18.82 8.91 7.47
#